data_9EOL
#
_entry.id   9EOL
#
_cell.length_a   87.668
_cell.length_b   87.668
_cell.length_c   278.810
_cell.angle_alpha   90.000
_cell.angle_beta   90.000
_cell.angle_gamma   120.000
#
_symmetry.space_group_name_H-M   'P 65 2 2'
#
loop_
_entity.id
_entity.type
_entity.pdbx_description
1 polymer 'UPF0309 protein SCO4393'
2 non-polymer 'SULFATE ION'
3 non-polymer '6-PHOSPHOGLUCONIC ACID'
4 water water
#
_entity_poly.entity_id   1
_entity_poly.type   'polypeptide(L)'
_entity_poly.pdbx_seq_one_letter_code
;MSDHKPAGQFLDAAIDLLRRVRDEEADSIEAAGTLLADTVQNGGRLFAFGAGHSSLAAQDVVYRAGGLALMNLLTVPGVV
GIDVMPATLGSALERVDGLASAVLDSSPLRAGDALVIISLSGRNALPVEMAMHARALGLRVIGVTSVAYASQTTSRHASG
TFLKDHCDIVLDSKIAVGDAELTLDTVPAPFAPASTVVTAALMQAVTATAAATLADRGIEPPLLRSGNVDGGHEWNARVL
EQYGERIFYRR
;
_entity_poly.pdbx_strand_id   A,B
#
# COMPACT_ATOMS: atom_id res chain seq x y z
N HIS A 4 -19.47 -8.78 -34.54
CA HIS A 4 -20.17 -7.50 -34.62
C HIS A 4 -21.43 -7.51 -33.75
N LYS A 5 -21.99 -8.68 -33.49
CA LYS A 5 -23.19 -8.77 -32.71
C LYS A 5 -22.90 -8.47 -31.23
N PRO A 6 -23.89 -8.01 -30.47
CA PRO A 6 -23.59 -7.58 -29.09
C PRO A 6 -23.03 -8.70 -28.22
N ALA A 7 -23.56 -9.91 -28.35
CA ALA A 7 -23.08 -10.99 -27.51
C ALA A 7 -21.58 -11.20 -27.69
N GLY A 8 -21.12 -11.26 -28.95
CA GLY A 8 -19.71 -11.50 -29.22
C GLY A 8 -18.85 -10.34 -28.74
N GLN A 9 -19.31 -9.11 -28.96
CA GLN A 9 -18.57 -7.94 -28.45
C GLN A 9 -18.44 -7.99 -26.93
N PHE A 10 -19.53 -8.31 -26.22
CA PHE A 10 -19.43 -8.37 -24.77
C PHE A 10 -18.48 -9.47 -24.32
N LEU A 11 -18.65 -10.68 -24.86
CA LEU A 11 -17.81 -11.80 -24.47
C LEU A 11 -16.34 -11.50 -24.79
N ASP A 12 -16.06 -10.82 -25.92
CA ASP A 12 -14.67 -10.44 -26.23
C ASP A 12 -14.16 -9.41 -25.23
N ALA A 13 -15.02 -8.51 -24.78
CA ALA A 13 -14.57 -7.55 -23.77
C ALA A 13 -14.25 -8.26 -22.45
N ALA A 14 -15.09 -9.23 -22.06
CA ALA A 14 -14.89 -9.98 -20.82
C ALA A 14 -13.62 -10.84 -20.90
N ILE A 15 -13.39 -11.51 -22.04
CA ILE A 15 -12.13 -12.23 -22.25
C ILE A 15 -10.92 -11.32 -22.08
N ASP A 16 -10.95 -10.13 -22.70
CA ASP A 16 -9.83 -9.23 -22.64
C ASP A 16 -9.55 -8.78 -21.21
N LEU A 17 -10.61 -8.61 -20.40
CA LEU A 17 -10.45 -8.23 -18.98
C LEU A 17 -9.84 -9.37 -18.17
N LEU A 18 -10.27 -10.61 -18.44
CA LEU A 18 -9.65 -11.75 -17.79
C LEU A 18 -8.19 -11.88 -18.21
N ARG A 19 -7.86 -11.58 -19.46
CA ARG A 19 -6.46 -11.63 -19.85
C ARG A 19 -5.66 -10.57 -19.09
N ARG A 20 -6.24 -9.39 -18.93
CA ARG A 20 -5.55 -8.35 -18.17
C ARG A 20 -5.33 -8.78 -16.73
N VAL A 21 -6.34 -9.37 -16.10
CA VAL A 21 -6.15 -9.85 -14.73
C VAL A 21 -5.07 -10.92 -14.69
N ARG A 22 -5.10 -11.85 -15.66
CA ARG A 22 -4.10 -12.91 -15.68
C ARG A 22 -2.69 -12.34 -15.82
N ASP A 23 -2.52 -11.38 -16.73
CA ASP A 23 -1.20 -10.87 -17.04
C ASP A 23 -0.71 -9.78 -16.10
N GLU A 24 -1.59 -9.05 -15.41
CA GLU A 24 -1.16 -7.91 -14.60
C GLU A 24 -1.20 -8.18 -13.11
N GLU A 25 -2.13 -9.05 -12.69
CA GLU A 25 -2.41 -9.32 -11.29
C GLU A 25 -1.88 -10.66 -10.82
N ALA A 26 -1.03 -11.32 -11.62
CA ALA A 26 -0.53 -12.64 -11.21
C ALA A 26 0.19 -12.59 -9.85
N ASP A 27 1.08 -11.61 -9.66
CA ASP A 27 1.80 -11.57 -8.39
C ASP A 27 0.88 -11.18 -7.20
N SER A 28 -0.05 -10.26 -7.41
CA SER A 28 -0.99 -9.90 -6.34
C SER A 28 -1.92 -11.06 -6.01
N ILE A 29 -2.36 -11.82 -7.02
CA ILE A 29 -3.19 -12.98 -6.74
C ILE A 29 -2.39 -14.00 -5.93
N GLU A 30 -1.13 -14.18 -6.29
CA GLU A 30 -0.28 -15.08 -5.52
C GLU A 30 -0.13 -14.57 -4.07
N ALA A 31 0.11 -13.28 -3.89
CA ALA A 31 0.24 -12.75 -2.53
C ALA A 31 -1.04 -12.95 -1.72
N ALA A 32 -2.19 -12.72 -2.35
CA ALA A 32 -3.46 -12.89 -1.65
C ALA A 32 -3.70 -14.35 -1.29
N GLY A 33 -3.49 -15.24 -2.25
CA GLY A 33 -3.66 -16.65 -1.95
C GLY A 33 -2.72 -17.14 -0.85
N THR A 34 -1.47 -16.66 -0.89
CA THR A 34 -0.52 -16.96 0.18
C THR A 34 -0.97 -16.43 1.55
N LEU A 35 -1.49 -15.19 1.62
CA LEU A 35 -2.06 -14.69 2.89
C LEU A 35 -3.20 -15.56 3.39
N LEU A 36 -4.10 -16.02 2.50
CA LEU A 36 -5.16 -16.93 2.97
C LEU A 36 -4.59 -18.24 3.49
N ALA A 37 -3.64 -18.82 2.77
CA ALA A 37 -3.03 -20.06 3.25
C ALA A 37 -2.31 -19.87 4.59
N ASP A 38 -1.56 -18.76 4.75
CA ASP A 38 -0.91 -18.48 6.02
C ASP A 38 -1.93 -18.43 7.15
N THR A 39 -3.06 -17.78 6.89
CA THR A 39 -4.09 -17.60 7.92
C THR A 39 -4.64 -18.97 8.31
N VAL A 40 -4.99 -19.80 7.33
CA VAL A 40 -5.44 -21.15 7.65
C VAL A 40 -4.40 -21.87 8.50
N GLN A 41 -3.15 -21.82 8.07
CA GLN A 41 -2.11 -22.60 8.75
C GLN A 41 -1.94 -22.13 10.19
N ASN A 42 -2.00 -20.81 10.40
CA ASN A 42 -1.83 -20.21 11.71
C ASN A 42 -3.08 -20.27 12.55
N GLY A 43 -4.14 -20.89 12.07
CA GLY A 43 -5.33 -21.11 12.86
C GLY A 43 -6.37 -20.00 12.76
N GLY A 44 -6.18 -19.06 11.87
CA GLY A 44 -7.15 -17.99 11.72
C GLY A 44 -8.34 -18.41 10.89
N ARG A 45 -9.31 -17.49 10.79
CA ARG A 45 -10.53 -17.66 10.00
C ARG A 45 -10.52 -16.80 8.74
N LEU A 46 -11.32 -17.20 7.73
CA LEU A 46 -11.42 -16.51 6.46
C LEU A 46 -12.85 -16.05 6.22
N PHE A 47 -13.00 -14.78 5.81
CA PHE A 47 -14.30 -14.20 5.50
C PHE A 47 -14.19 -13.37 4.22
N ALA A 48 -15.31 -13.27 3.51
CA ALA A 48 -15.40 -12.47 2.31
C ALA A 48 -16.68 -11.64 2.40
N PHE A 49 -16.57 -10.39 1.94
CA PHE A 49 -17.67 -9.44 1.95
C PHE A 49 -17.72 -8.64 0.65
N GLY A 50 -18.92 -8.39 0.19
CA GLY A 50 -19.12 -7.33 -0.79
C GLY A 50 -20.56 -6.88 -0.70
N ALA A 51 -20.83 -5.68 -1.17
CA ALA A 51 -22.18 -5.14 -1.18
C ALA A 51 -22.84 -5.24 -2.57
N GLY A 52 -24.16 -5.46 -2.57
CA GLY A 52 -24.87 -5.41 -3.85
C GLY A 52 -24.29 -6.44 -4.80
N HIS A 53 -24.00 -6.05 -6.05
CA HIS A 53 -23.46 -7.06 -6.98
C HIS A 53 -22.05 -7.52 -6.62
N SER A 54 -21.32 -6.75 -5.80
CA SER A 54 -20.03 -7.23 -5.33
C SER A 54 -20.17 -8.39 -4.34
N SER A 55 -21.32 -8.50 -3.71
CA SER A 55 -21.64 -9.68 -2.90
C SER A 55 -21.60 -10.98 -3.68
N LEU A 56 -21.78 -10.92 -5.01
CA LEU A 56 -21.88 -12.15 -5.77
C LEU A 56 -20.54 -12.84 -5.87
N ALA A 57 -19.47 -12.06 -6.02
CA ALA A 57 -18.16 -12.69 -5.99
C ALA A 57 -17.81 -13.28 -4.62
N ALA A 58 -18.22 -12.63 -3.54
CA ALA A 58 -17.97 -13.17 -2.21
C ALA A 58 -18.72 -14.47 -2.01
N GLN A 59 -19.98 -14.48 -2.40
CA GLN A 59 -20.74 -15.71 -2.30
C GLN A 59 -20.17 -16.83 -3.16
N ASP A 60 -19.50 -16.50 -4.25
CA ASP A 60 -19.06 -17.53 -5.14
C ASP A 60 -17.97 -18.36 -4.53
N VAL A 61 -17.30 -17.87 -3.48
CA VAL A 61 -16.27 -18.68 -2.83
C VAL A 61 -16.73 -19.31 -1.52
N VAL A 62 -18.01 -19.19 -1.16
CA VAL A 62 -18.53 -19.73 0.11
C VAL A 62 -19.44 -20.94 -0.12
N TYR A 63 -19.18 -22.04 0.63
CA TYR A 63 -19.94 -23.28 0.55
C TYR A 63 -20.08 -23.70 -0.92
N ARG A 64 -18.91 -23.78 -1.59
CA ARG A 64 -18.83 -23.82 -3.05
C ARG A 64 -18.18 -25.12 -3.52
N ALA A 65 -18.81 -25.75 -4.54
CA ALA A 65 -18.19 -26.83 -5.30
C ALA A 65 -16.81 -26.42 -5.77
N GLY A 66 -15.80 -27.17 -5.39
CA GLY A 66 -14.43 -26.89 -5.79
C GLY A 66 -13.75 -25.80 -4.98
N GLY A 67 -14.39 -25.33 -3.90
CA GLY A 67 -13.88 -24.24 -3.12
C GLY A 67 -13.45 -24.68 -1.72
N LEU A 68 -12.91 -23.74 -0.97
CA LEU A 68 -12.43 -24.03 0.38
C LEU A 68 -13.58 -24.01 1.38
N ALA A 69 -13.70 -25.10 2.18
CA ALA A 69 -14.75 -25.12 3.17
C ALA A 69 -14.60 -24.01 4.19
N LEU A 70 -13.35 -23.48 4.38
CA LEU A 70 -13.06 -22.52 5.43
C LEU A 70 -13.46 -21.09 5.06
N MET A 71 -13.88 -20.82 3.81
CA MET A 71 -14.28 -19.46 3.48
C MET A 71 -15.71 -19.21 3.95
N ASN A 72 -15.91 -18.12 4.71
CA ASN A 72 -17.20 -17.75 5.27
C ASN A 72 -17.66 -16.44 4.63
N LEU A 73 -18.98 -16.19 4.67
CA LEU A 73 -19.55 -14.94 4.18
C LEU A 73 -19.78 -14.00 5.36
N LEU A 74 -19.30 -12.77 5.28
CA LEU A 74 -19.66 -11.75 6.27
C LEU A 74 -20.91 -11.05 5.76
N THR A 75 -22.03 -11.25 6.45
CA THR A 75 -23.34 -10.82 5.95
C THR A 75 -23.72 -9.51 6.62
N VAL A 76 -23.84 -8.46 5.81
CA VAL A 76 -24.46 -7.19 6.20
C VAL A 76 -25.92 -7.26 5.74
N PRO A 77 -26.90 -7.23 6.66
CA PRO A 77 -28.30 -7.42 6.22
C PRO A 77 -28.71 -6.31 5.26
N GLY A 78 -29.36 -6.69 4.16
CA GLY A 78 -29.83 -5.76 3.20
C GLY A 78 -28.90 -5.54 2.05
N VAL A 79 -27.61 -5.92 2.16
CA VAL A 79 -26.73 -5.72 1.03
C VAL A 79 -26.15 -7.05 0.53
N VAL A 80 -26.67 -8.18 0.98
CA VAL A 80 -26.24 -9.51 0.45
C VAL A 80 -26.92 -9.67 -0.91
N GLY A 81 -26.20 -9.46 -2.01
CA GLY A 81 -26.87 -9.48 -3.35
C GLY A 81 -27.91 -8.37 -3.46
N ILE A 82 -29.00 -8.59 -4.22
CA ILE A 82 -30.02 -7.55 -4.52
C ILE A 82 -31.39 -8.05 -4.05
N ASP A 83 -31.41 -9.00 -3.13
CA ASP A 83 -32.64 -9.62 -2.61
C ASP A 83 -33.49 -8.60 -1.83
N VAL A 84 -32.88 -7.59 -1.23
CA VAL A 84 -33.55 -6.60 -0.36
C VAL A 84 -34.78 -5.98 -1.03
N MET A 85 -35.83 -5.74 -0.25
CA MET A 85 -37.06 -5.05 -0.75
C MET A 85 -37.14 -3.70 -0.04
N PRO A 86 -37.16 -2.54 -0.73
CA PRO A 86 -36.93 -2.42 -2.19
C PRO A 86 -35.45 -2.54 -2.51
N ALA A 87 -35.12 -2.95 -3.75
CA ALA A 87 -33.71 -3.14 -4.08
C ALA A 87 -32.91 -1.85 -3.89
N THR A 88 -33.56 -0.70 -4.06
CA THR A 88 -32.95 0.63 -3.90
C THR A 88 -32.45 0.87 -2.48
N LEU A 89 -33.03 0.16 -1.50
CA LEU A 89 -32.50 0.26 -0.13
C LEU A 89 -31.08 -0.27 -0.05
N GLY A 90 -30.77 -1.27 -0.84
CA GLY A 90 -29.39 -1.77 -0.84
C GLY A 90 -28.38 -0.68 -1.14
N SER A 91 -28.71 0.16 -2.13
CA SER A 91 -27.86 1.28 -2.49
C SER A 91 -27.75 2.28 -1.35
N ALA A 92 -28.86 2.58 -0.67
CA ALA A 92 -28.80 3.53 0.44
C ALA A 92 -27.99 2.99 1.62
N LEU A 93 -28.08 1.68 1.89
CA LEU A 93 -27.32 1.09 3.00
C LEU A 93 -25.82 1.13 2.80
N GLU A 94 -25.34 1.17 1.55
CA GLU A 94 -23.89 1.29 1.28
C GLU A 94 -23.35 2.64 1.74
N ARG A 95 -24.23 3.60 2.08
CA ARG A 95 -23.81 4.93 2.52
C ARG A 95 -23.92 5.11 4.02
N VAL A 96 -24.32 4.08 4.75
CA VAL A 96 -24.63 4.22 6.17
C VAL A 96 -23.38 3.99 6.96
N ASP A 97 -22.95 5.04 7.68
CA ASP A 97 -21.83 4.95 8.61
C ASP A 97 -22.26 4.17 9.83
N GLY A 98 -21.42 3.26 10.23
CA GLY A 98 -21.62 2.47 11.41
C GLY A 98 -22.17 1.09 11.18
N LEU A 99 -22.71 0.82 9.98
CA LEU A 99 -23.15 -0.51 9.68
C LEU A 99 -21.98 -1.48 9.68
N ALA A 100 -20.87 -1.08 9.07
CA ALA A 100 -19.74 -2.02 8.96
C ALA A 100 -19.23 -2.43 10.34
N SER A 101 -19.07 -1.47 11.27
CA SER A 101 -18.62 -1.80 12.62
C SER A 101 -19.62 -2.67 13.40
N ALA A 102 -20.92 -2.39 13.30
CA ALA A 102 -21.90 -3.27 13.92
C ALA A 102 -21.72 -4.71 13.46
N VAL A 103 -21.51 -4.91 12.15
CA VAL A 103 -21.45 -6.26 11.63
C VAL A 103 -20.12 -6.92 12.02
N LEU A 104 -19.02 -6.16 11.96
CA LEU A 104 -17.73 -6.78 12.32
C LEU A 104 -17.66 -7.12 13.80
N ASP A 105 -18.15 -6.20 14.65
CA ASP A 105 -18.07 -6.39 16.09
C ASP A 105 -18.95 -7.54 16.54
N SER A 106 -20.01 -7.83 15.79
CA SER A 106 -20.88 -8.94 16.14
C SER A 106 -20.35 -10.28 15.64
N SER A 107 -19.45 -10.25 14.67
CA SER A 107 -18.97 -11.42 13.99
C SER A 107 -17.94 -12.15 14.85
N PRO A 108 -17.54 -13.34 14.43
CA PRO A 108 -16.46 -14.04 15.14
C PRO A 108 -15.06 -13.62 14.69
N LEU A 109 -14.92 -12.63 13.80
CA LEU A 109 -13.61 -12.21 13.34
C LEU A 109 -12.79 -11.67 14.52
N ARG A 110 -11.52 -12.04 14.53
CA ARG A 110 -10.62 -11.62 15.60
C ARG A 110 -9.26 -11.32 14.98
N ALA A 111 -8.39 -10.65 15.75
CA ALA A 111 -7.07 -10.31 15.23
C ALA A 111 -6.39 -11.52 14.56
N GLY A 112 -5.80 -11.26 13.40
CA GLY A 112 -5.14 -12.30 12.65
C GLY A 112 -5.98 -12.95 11.58
N ASP A 113 -7.30 -12.83 11.68
CA ASP A 113 -8.17 -13.38 10.64
C ASP A 113 -7.96 -12.61 9.33
N ALA A 114 -8.49 -13.17 8.25
CA ALA A 114 -8.37 -12.58 6.93
C ALA A 114 -9.75 -12.22 6.43
N LEU A 115 -9.91 -11.01 5.93
CA LEU A 115 -11.15 -10.55 5.31
C LEU A 115 -10.90 -10.05 3.89
N VAL A 116 -11.64 -10.60 2.93
CA VAL A 116 -11.61 -10.10 1.55
C VAL A 116 -12.77 -9.14 1.44
N ILE A 117 -12.52 -7.95 0.90
CA ILE A 117 -13.55 -6.94 0.67
C ILE A 117 -13.58 -6.65 -0.83
N ILE A 118 -14.71 -6.94 -1.46
CA ILE A 118 -14.92 -6.68 -2.88
C ILE A 118 -15.78 -5.43 -2.99
N SER A 119 -15.24 -4.40 -3.64
CA SER A 119 -15.96 -3.17 -3.97
C SER A 119 -15.33 -2.61 -5.24
N LEU A 120 -16.12 -2.56 -6.34
CA LEU A 120 -15.55 -2.08 -7.60
C LEU A 120 -15.07 -0.66 -7.46
N SER A 121 -15.96 0.21 -6.97
CA SER A 121 -15.64 1.63 -6.83
C SER A 121 -14.75 1.93 -5.62
N GLY A 122 -14.90 1.16 -4.56
CA GLY A 122 -14.17 1.46 -3.33
C GLY A 122 -14.42 2.81 -2.70
N ARG A 123 -15.54 3.45 -3.03
CA ARG A 123 -15.72 4.86 -2.68
C ARG A 123 -16.79 5.06 -1.61
N ASN A 124 -17.63 4.08 -1.33
CA ASN A 124 -18.74 4.36 -0.42
C ASN A 124 -18.35 4.11 1.03
N ALA A 125 -19.15 4.68 1.93
CA ALA A 125 -18.86 4.58 3.35
C ALA A 125 -18.77 3.15 3.83
N LEU A 126 -19.70 2.29 3.42
CA LEU A 126 -19.71 0.94 4.01
C LEU A 126 -18.45 0.14 3.70
N PRO A 127 -17.99 -0.01 2.47
CA PRO A 127 -16.76 -0.80 2.27
C PRO A 127 -15.51 -0.10 2.79
N VAL A 128 -15.47 1.23 2.77
CA VAL A 128 -14.29 1.91 3.29
C VAL A 128 -14.23 1.73 4.79
N GLU A 129 -15.35 1.96 5.48
CA GLU A 129 -15.40 1.76 6.91
C GLU A 129 -15.10 0.31 7.26
N MET A 130 -15.64 -0.63 6.47
CA MET A 130 -15.37 -2.04 6.74
C MET A 130 -13.89 -2.32 6.76
N ALA A 131 -13.15 -1.78 5.79
CA ALA A 131 -11.71 -2.00 5.77
C ALA A 131 -11.01 -1.30 6.93
N MET A 132 -11.34 -0.03 7.17
CA MET A 132 -10.70 0.69 8.26
C MET A 132 -10.92 -0.03 9.60
N HIS A 133 -12.16 -0.44 9.87
CA HIS A 133 -12.43 -1.03 11.17
C HIS A 133 -11.86 -2.44 11.27
N ALA A 134 -11.87 -3.18 10.15
CA ALA A 134 -11.24 -4.50 10.17
C ALA A 134 -9.74 -4.40 10.51
N ARG A 135 -9.05 -3.41 9.95
CA ARG A 135 -7.64 -3.27 10.28
C ARG A 135 -7.46 -2.83 11.71
N ALA A 136 -8.34 -1.97 12.22
CA ALA A 136 -8.28 -1.55 13.62
C ALA A 136 -8.47 -2.73 14.56
N LEU A 137 -9.21 -3.74 14.13
CA LEU A 137 -9.43 -4.96 14.89
C LEU A 137 -8.30 -5.97 14.72
N GLY A 138 -7.30 -5.65 13.90
CA GLY A 138 -6.21 -6.57 13.69
C GLY A 138 -6.39 -7.58 12.58
N LEU A 139 -7.42 -7.41 11.74
CA LEU A 139 -7.62 -8.29 10.62
C LEU A 139 -6.69 -7.93 9.48
N ARG A 140 -6.30 -8.95 8.70
CA ARG A 140 -5.64 -8.71 7.44
C ARG A 140 -6.70 -8.55 6.38
N VAL A 141 -6.55 -7.56 5.51
CA VAL A 141 -7.60 -7.20 4.56
C VAL A 141 -7.07 -7.28 3.15
N ILE A 142 -7.76 -8.05 2.31
CA ILE A 142 -7.51 -8.10 0.86
C ILE A 142 -8.65 -7.37 0.16
N GLY A 143 -8.33 -6.36 -0.64
CA GLY A 143 -9.35 -5.68 -1.41
C GLY A 143 -9.38 -6.09 -2.87
N VAL A 144 -10.58 -6.20 -3.45
CA VAL A 144 -10.76 -6.51 -4.87
C VAL A 144 -11.52 -5.32 -5.42
N THR A 145 -10.86 -4.47 -6.21
CA THR A 145 -11.41 -3.13 -6.43
C THR A 145 -10.80 -2.64 -7.72
N SER A 146 -11.52 -1.78 -8.42
CA SER A 146 -10.99 -1.17 -9.63
C SER A 146 -10.25 0.11 -9.23
N VAL A 147 -8.92 0.08 -9.23
CA VAL A 147 -8.16 1.23 -8.69
C VAL A 147 -8.34 2.51 -9.51
N ALA A 148 -8.72 2.37 -10.77
CA ALA A 148 -9.06 3.52 -11.60
C ALA A 148 -10.08 4.42 -10.94
N TYR A 149 -11.05 3.86 -10.21
CA TYR A 149 -12.06 4.71 -9.57
C TYR A 149 -11.45 5.68 -8.57
N ALA A 150 -10.35 5.29 -7.92
CA ALA A 150 -9.75 6.18 -6.93
C ALA A 150 -9.14 7.43 -7.53
N SER A 151 -8.79 7.43 -8.82
CA SER A 151 -8.33 8.66 -9.44
C SER A 151 -9.42 9.42 -10.19
N GLN A 152 -10.51 8.77 -10.58
CA GLN A 152 -11.52 9.40 -11.42
C GLN A 152 -12.82 9.72 -10.70
N THR A 153 -12.99 9.28 -9.47
CA THR A 153 -14.19 9.62 -8.71
C THR A 153 -13.77 10.18 -7.34
N THR A 154 -14.72 10.83 -6.67
CA THR A 154 -14.50 11.34 -5.32
C THR A 154 -14.94 10.33 -4.27
N SER A 155 -14.17 10.26 -3.19
CA SER A 155 -14.53 9.40 -2.08
C SER A 155 -15.84 9.88 -1.49
N ARG A 156 -16.75 8.95 -1.13
CA ARG A 156 -17.95 9.32 -0.38
C ARG A 156 -17.84 8.96 1.09
N HIS A 157 -16.67 8.52 1.52
CA HIS A 157 -16.41 8.31 2.93
C HIS A 157 -15.89 9.62 3.56
N ALA A 158 -16.22 9.83 4.85
CA ALA A 158 -15.82 11.06 5.55
C ALA A 158 -14.32 11.29 5.53
N SER A 159 -13.53 10.20 5.50
CA SER A 159 -12.08 10.29 5.50
C SER A 159 -11.52 10.80 4.18
N GLY A 160 -12.32 10.83 3.13
CA GLY A 160 -11.81 11.14 1.81
C GLY A 160 -10.98 10.04 1.16
N THR A 161 -10.90 8.85 1.75
CA THR A 161 -10.06 7.76 1.25
C THR A 161 -10.93 6.70 0.57
N PHE A 162 -10.27 5.76 -0.10
CA PHE A 162 -10.91 4.67 -0.84
C PHE A 162 -10.55 3.34 -0.20
N LEU A 163 -11.18 2.24 -0.61
CA LEU A 163 -10.92 0.90 -0.04
C LEU A 163 -9.45 0.54 -0.20
N LYS A 164 -8.84 0.88 -1.33
CA LYS A 164 -7.44 0.48 -1.64
C LYS A 164 -6.49 1.11 -0.62
N ASP A 165 -6.86 2.22 -0.01
CA ASP A 165 -6.01 2.88 0.98
C ASP A 165 -5.94 2.16 2.32
N HIS A 166 -6.75 1.12 2.52
CA HIS A 166 -6.83 0.43 3.81
C HIS A 166 -6.66 -1.07 3.69
N CYS A 167 -6.06 -1.54 2.61
CA CYS A 167 -5.88 -2.96 2.38
C CYS A 167 -4.41 -3.36 2.55
N ASP A 168 -4.18 -4.57 3.06
CA ASP A 168 -2.85 -5.18 3.07
C ASP A 168 -2.44 -5.63 1.66
N ILE A 169 -3.40 -6.10 0.87
CA ILE A 169 -3.15 -6.54 -0.49
C ILE A 169 -4.33 -5.99 -1.29
N VAL A 170 -4.03 -5.42 -2.46
CA VAL A 170 -5.02 -4.89 -3.39
C VAL A 170 -4.92 -5.68 -4.69
N LEU A 171 -6.06 -6.22 -5.13
CA LEU A 171 -6.28 -6.86 -6.42
C LEU A 171 -7.09 -5.94 -7.31
N ASP A 172 -6.47 -5.51 -8.41
CA ASP A 172 -7.09 -4.52 -9.30
C ASP A 172 -8.03 -5.21 -10.29
N SER A 173 -9.33 -4.94 -10.20
CA SER A 173 -10.31 -5.63 -11.04
C SER A 173 -10.55 -4.93 -12.36
N LYS A 174 -9.79 -3.87 -12.65
CA LYS A 174 -9.58 -3.35 -14.02
C LYS A 174 -10.75 -2.58 -14.65
N ILE A 175 -11.99 -2.88 -14.24
CA ILE A 175 -13.16 -2.31 -14.90
C ILE A 175 -13.10 -0.79 -14.96
N ALA A 176 -13.30 -0.26 -16.17
CA ALA A 176 -13.36 1.18 -16.37
C ALA A 176 -14.58 1.81 -15.68
N VAL A 177 -14.45 3.09 -15.31
CA VAL A 177 -15.56 3.76 -14.60
C VAL A 177 -16.84 3.67 -15.42
N GLY A 178 -17.93 3.29 -14.75
CA GLY A 178 -19.24 3.10 -15.35
C GLY A 178 -19.70 1.66 -15.38
N ASP A 179 -18.76 0.71 -15.30
CA ASP A 179 -19.12 -0.72 -15.24
C ASP A 179 -20.10 -1.08 -16.37
N ALA A 180 -19.67 -0.80 -17.59
CA ALA A 180 -20.49 -1.09 -18.77
C ALA A 180 -19.56 -1.11 -19.97
N GLU A 181 -19.57 -2.20 -20.72
CA GLU A 181 -18.55 -2.43 -21.74
C GLU A 181 -18.98 -2.09 -23.15
N LEU A 182 -20.26 -1.87 -23.42
CA LEU A 182 -20.75 -1.63 -24.77
C LEU A 182 -21.45 -0.28 -24.86
N THR A 183 -21.44 0.27 -26.06
CA THR A 183 -22.22 1.44 -26.39
C THR A 183 -22.91 1.23 -27.74
N LEU A 184 -24.07 1.86 -27.91
CA LEU A 184 -24.76 1.89 -29.20
C LEU A 184 -25.10 3.33 -29.52
N ASP A 185 -24.87 3.73 -30.78
CA ASP A 185 -25.04 5.14 -31.18
C ASP A 185 -26.43 5.66 -30.79
N THR A 186 -27.45 4.87 -30.98
CA THR A 186 -28.80 5.32 -30.66
C THR A 186 -29.09 5.34 -29.16
N VAL A 187 -28.23 4.77 -28.32
CA VAL A 187 -28.55 4.49 -26.93
C VAL A 187 -27.69 5.38 -26.05
N PRO A 188 -28.27 6.23 -25.22
CA PRO A 188 -27.43 7.16 -24.44
C PRO A 188 -26.63 6.50 -23.33
N ALA A 189 -27.17 5.50 -22.66
CA ALA A 189 -26.38 4.91 -21.58
C ALA A 189 -25.52 3.75 -22.10
N PRO A 190 -24.32 3.56 -21.57
CA PRO A 190 -23.58 2.34 -21.87
C PRO A 190 -24.25 1.15 -21.21
N PHE A 191 -23.94 -0.01 -21.76
CA PHE A 191 -24.52 -1.19 -21.18
C PHE A 191 -23.55 -2.35 -21.22
N ALA A 192 -23.90 -3.40 -20.47
CA ALA A 192 -23.35 -4.75 -20.48
C ALA A 192 -22.18 -4.76 -19.51
N PRO A 193 -22.43 -4.99 -18.20
CA PRO A 193 -21.34 -4.94 -17.20
C PRO A 193 -20.63 -6.26 -17.12
N ALA A 194 -19.29 -6.20 -17.05
CA ALA A 194 -18.50 -7.41 -16.89
C ALA A 194 -17.93 -7.57 -15.49
N SER A 195 -18.20 -6.65 -14.56
CA SER A 195 -17.51 -6.70 -13.28
C SER A 195 -17.72 -8.00 -12.52
N THR A 196 -18.89 -8.65 -12.60
CA THR A 196 -19.07 -9.88 -11.83
C THR A 196 -18.31 -11.04 -12.45
N VAL A 197 -18.33 -11.12 -13.77
CA VAL A 197 -17.46 -12.05 -14.51
C VAL A 197 -16.03 -11.94 -14.00
N VAL A 198 -15.49 -10.71 -13.95
CA VAL A 198 -14.09 -10.51 -13.56
C VAL A 198 -13.89 -10.79 -12.07
N THR A 199 -14.78 -10.27 -11.20
CA THR A 199 -14.49 -10.42 -9.77
C THR A 199 -14.67 -11.87 -9.36
N ALA A 200 -15.65 -12.58 -9.94
CA ALA A 200 -15.79 -13.98 -9.58
C ALA A 200 -14.54 -14.73 -9.99
N ALA A 201 -14.03 -14.40 -11.19
CA ALA A 201 -12.85 -15.11 -11.71
C ALA A 201 -11.63 -14.82 -10.83
N LEU A 202 -11.47 -13.54 -10.47
CA LEU A 202 -10.39 -13.12 -9.56
C LEU A 202 -10.46 -13.86 -8.23
N MET A 203 -11.65 -13.92 -7.64
CA MET A 203 -11.85 -14.62 -6.38
C MET A 203 -11.48 -16.08 -6.49
N GLN A 204 -11.89 -16.77 -7.58
CA GLN A 204 -11.56 -18.18 -7.70
C GLN A 204 -10.04 -18.35 -7.86
N ALA A 205 -9.40 -17.44 -8.58
CA ALA A 205 -7.95 -17.55 -8.77
C ALA A 205 -7.23 -17.45 -7.44
N VAL A 206 -7.72 -16.57 -6.58
CA VAL A 206 -7.16 -16.37 -5.24
C VAL A 206 -7.37 -17.61 -4.39
N THR A 207 -8.59 -18.12 -4.33
CA THR A 207 -8.77 -19.28 -3.46
C THR A 207 -8.09 -20.52 -4.04
N ALA A 208 -8.06 -20.68 -5.38
CA ALA A 208 -7.32 -21.82 -5.95
C ALA A 208 -5.83 -21.76 -5.56
N THR A 209 -5.29 -20.54 -5.56
CA THR A 209 -3.90 -20.34 -5.18
C THR A 209 -3.71 -20.74 -3.72
N ALA A 210 -4.67 -20.36 -2.87
CA ALA A 210 -4.60 -20.71 -1.47
C ALA A 210 -4.63 -22.22 -1.30
N ALA A 211 -5.50 -22.90 -2.05
CA ALA A 211 -5.56 -24.36 -1.94
C ALA A 211 -4.26 -25.02 -2.36
N ALA A 212 -3.68 -24.57 -3.48
CA ALA A 212 -2.44 -25.15 -3.98
C ALA A 212 -1.30 -24.89 -3.00
N THR A 213 -1.28 -23.71 -2.41
CA THR A 213 -0.23 -23.37 -1.46
C THR A 213 -0.28 -24.26 -0.24
N LEU A 214 -1.48 -24.47 0.32
CA LEU A 214 -1.62 -25.41 1.42
C LEU A 214 -1.08 -26.78 1.02
N ALA A 215 -1.46 -27.24 -0.18
CA ALA A 215 -1.03 -28.56 -0.63
C ALA A 215 0.49 -28.64 -0.71
N ASP A 216 1.12 -27.60 -1.25
CA ASP A 216 2.58 -27.61 -1.39
C ASP A 216 3.27 -27.67 -0.04
N ARG A 217 2.61 -27.18 1.00
CA ARG A 217 3.14 -27.24 2.35
C ARG A 217 2.81 -28.55 3.06
N GLY A 218 2.28 -29.54 2.34
CA GLY A 218 1.88 -30.78 2.97
C GLY A 218 0.62 -30.69 3.78
N ILE A 219 -0.24 -29.68 3.54
CA ILE A 219 -1.48 -29.52 4.26
C ILE A 219 -2.60 -29.82 3.27
N GLU A 220 -3.41 -30.84 3.56
CA GLU A 220 -4.48 -31.20 2.63
C GLU A 220 -5.49 -30.06 2.61
N PRO A 221 -5.69 -29.38 1.49
CA PRO A 221 -6.70 -28.28 1.45
C PRO A 221 -8.11 -28.80 1.69
N PRO A 222 -8.89 -28.14 2.55
CA PRO A 222 -10.26 -28.62 2.81
C PRO A 222 -11.25 -28.20 1.72
N LEU A 223 -11.28 -29.00 0.66
CA LEU A 223 -12.06 -28.68 -0.53
C LEU A 223 -13.40 -29.38 -0.49
N LEU A 224 -14.44 -28.69 -0.98
CA LEU A 224 -15.77 -29.25 -1.14
C LEU A 224 -15.98 -29.75 -2.56
N ARG A 225 -16.88 -30.72 -2.68
CA ARG A 225 -17.33 -31.24 -3.96
C ARG A 225 -18.74 -30.74 -4.28
N SER A 226 -19.10 -30.83 -5.56
CA SER A 226 -20.45 -30.42 -5.95
C SER A 226 -21.49 -31.34 -5.33
N GLY A 227 -22.54 -30.75 -4.73
CA GLY A 227 -23.66 -31.56 -4.30
C GLY A 227 -24.55 -32.10 -5.41
N ASN A 228 -24.27 -31.73 -6.67
CA ASN A 228 -25.04 -32.19 -7.82
C ASN A 228 -24.32 -33.21 -8.67
N VAL A 229 -23.24 -33.78 -8.14
CA VAL A 229 -22.67 -35.04 -8.60
C VAL A 229 -22.86 -36.05 -7.47
N ASP A 230 -23.34 -37.25 -7.82
CA ASP A 230 -23.61 -38.28 -6.82
C ASP A 230 -22.43 -38.45 -5.86
N GLY A 231 -22.75 -38.51 -4.56
CA GLY A 231 -21.76 -38.61 -3.50
C GLY A 231 -21.20 -37.30 -2.97
N GLY A 232 -21.56 -36.15 -3.56
CA GLY A 232 -20.93 -34.91 -3.13
C GLY A 232 -21.28 -34.53 -1.71
N HIS A 233 -22.55 -34.68 -1.33
CA HIS A 233 -22.97 -34.27 0.01
C HIS A 233 -22.35 -35.14 1.09
N GLU A 234 -22.18 -36.45 0.82
CA GLU A 234 -21.47 -37.28 1.79
C GLU A 234 -20.02 -36.84 1.97
N TRP A 235 -19.32 -36.59 0.85
CA TRP A 235 -17.95 -36.07 0.91
C TRP A 235 -17.90 -34.79 1.74
N ASN A 236 -18.80 -33.84 1.41
CA ASN A 236 -18.75 -32.54 2.06
C ASN A 236 -19.06 -32.65 3.55
N ALA A 237 -20.00 -33.54 3.92
CA ALA A 237 -20.33 -33.70 5.33
C ALA A 237 -19.07 -34.00 6.14
N ARG A 238 -18.22 -34.90 5.63
CA ARG A 238 -16.96 -35.21 6.31
C ARG A 238 -16.13 -33.95 6.52
N VAL A 239 -15.97 -33.16 5.45
CA VAL A 239 -15.09 -31.98 5.49
C VAL A 239 -15.63 -30.93 6.46
N LEU A 240 -16.94 -30.66 6.37
CA LEU A 240 -17.57 -29.65 7.21
C LEU A 240 -17.47 -30.01 8.69
N GLU A 241 -17.63 -31.29 9.03
CA GLU A 241 -17.44 -31.73 10.40
C GLU A 241 -15.99 -31.52 10.85
N GLN A 242 -15.06 -31.94 9.99
CA GLN A 242 -13.64 -31.85 10.32
C GLN A 242 -13.24 -30.43 10.69
N TYR A 243 -13.63 -29.45 9.85
CA TYR A 243 -13.24 -28.06 10.06
C TYR A 243 -14.33 -27.17 10.67
N GLY A 244 -15.34 -27.80 11.29
CA GLY A 244 -16.47 -27.06 11.84
C GLY A 244 -16.11 -25.88 12.73
N GLU A 245 -14.99 -25.97 13.45
CA GLU A 245 -14.71 -24.91 14.42
C GLU A 245 -14.49 -23.55 13.75
N ARG A 246 -14.01 -23.53 12.51
CA ARG A 246 -13.78 -22.27 11.80
C ARG A 246 -14.78 -22.05 10.67
N ILE A 247 -15.92 -22.74 10.72
CA ILE A 247 -16.98 -22.63 9.72
C ILE A 247 -18.25 -22.15 10.40
N PHE A 248 -18.83 -21.08 9.86
CA PHE A 248 -19.92 -20.39 10.55
C PHE A 248 -21.23 -20.44 9.79
N TYR A 249 -21.28 -21.11 8.64
CA TYR A 249 -22.51 -21.29 7.89
C TYR A 249 -23.18 -22.66 8.16
N ARG A 250 -22.63 -23.45 9.06
CA ARG A 250 -23.32 -24.66 9.55
C ARG A 250 -22.77 -24.97 10.93
N ARG A 251 -23.32 -26.02 11.54
CA ARG A 251 -22.97 -26.45 12.90
C ARG A 251 -22.95 -27.97 12.98
N HIS B 4 8.65 34.36 -16.95
CA HIS B 4 9.25 35.02 -18.11
C HIS B 4 10.33 34.12 -18.74
N LYS B 5 11.45 33.92 -18.04
CA LYS B 5 12.52 33.09 -18.56
C LYS B 5 12.59 31.77 -17.80
N PRO B 6 13.12 30.70 -18.43
CA PRO B 6 13.07 29.36 -17.79
C PRO B 6 13.61 29.33 -16.36
N ALA B 7 14.76 29.94 -16.12
CA ALA B 7 15.35 29.91 -14.77
C ALA B 7 14.38 30.51 -13.75
N GLY B 8 13.83 31.67 -14.03
CA GLY B 8 12.92 32.28 -13.08
C GLY B 8 11.65 31.50 -12.89
N GLN B 9 11.11 30.93 -13.97
CA GLN B 9 9.93 30.08 -13.86
C GLN B 9 10.19 28.84 -12.99
N PHE B 10 11.34 28.18 -13.18
CA PHE B 10 11.64 27.03 -12.34
C PHE B 10 11.82 27.43 -10.89
N LEU B 11 12.60 28.49 -10.65
CA LEU B 11 12.81 28.90 -9.27
C LEU B 11 11.50 29.27 -8.59
N ASP B 12 10.61 29.96 -9.32
CA ASP B 12 9.32 30.30 -8.72
C ASP B 12 8.50 29.04 -8.44
N ALA B 13 8.55 28.06 -9.36
CA ALA B 13 7.86 26.78 -9.10
C ALA B 13 8.41 26.09 -7.86
N ALA B 14 9.74 26.05 -7.71
CA ALA B 14 10.38 25.47 -6.53
C ALA B 14 9.97 26.22 -5.27
N ILE B 15 10.00 27.56 -5.30
CA ILE B 15 9.59 28.35 -4.14
C ILE B 15 8.15 28.02 -3.75
N ASP B 16 7.26 27.96 -4.73
CA ASP B 16 5.86 27.67 -4.43
C ASP B 16 5.72 26.29 -3.81
N LEU B 17 6.48 25.30 -4.29
CA LEU B 17 6.46 23.98 -3.69
C LEU B 17 6.94 24.05 -2.24
N LEU B 18 8.03 24.77 -1.98
CA LEU B 18 8.50 24.89 -0.61
C LEU B 18 7.43 25.54 0.26
N ARG B 19 6.76 26.57 -0.26
CA ARG B 19 5.66 27.18 0.50
C ARG B 19 4.54 26.18 0.78
N ARG B 20 4.19 25.33 -0.20
CA ARG B 20 3.17 24.31 0.05
C ARG B 20 3.61 23.37 1.18
N VAL B 21 4.84 22.87 1.11
CA VAL B 21 5.33 22.01 2.17
C VAL B 21 5.28 22.73 3.53
N ARG B 22 5.76 23.97 3.58
CA ARG B 22 5.78 24.70 4.84
C ARG B 22 4.38 24.84 5.44
N ASP B 23 3.40 25.16 4.61
CA ASP B 23 2.06 25.47 5.10
C ASP B 23 1.20 24.25 5.30
N GLU B 24 1.39 23.20 4.49
CA GLU B 24 0.52 22.04 4.55
C GLU B 24 1.11 20.90 5.35
N GLU B 25 2.44 20.81 5.45
CA GLU B 25 3.09 19.68 6.10
C GLU B 25 3.65 20.04 7.47
N ALA B 26 3.29 21.19 8.02
CA ALA B 26 3.93 21.61 9.25
C ALA B 26 3.79 20.55 10.33
N ASP B 27 2.58 19.98 10.46
CA ASP B 27 2.33 19.04 11.55
C ASP B 27 2.97 17.70 11.28
N SER B 28 2.99 17.28 10.01
CA SER B 28 3.66 16.03 9.64
C SER B 28 5.15 16.13 9.91
N ILE B 29 5.77 17.22 9.47
CA ILE B 29 7.18 17.49 9.73
C ILE B 29 7.45 17.46 11.24
N GLU B 30 6.58 18.10 12.02
CA GLU B 30 6.81 18.13 13.46
C GLU B 30 6.72 16.73 14.08
N ALA B 31 5.71 15.95 13.69
CA ALA B 31 5.62 14.58 14.16
C ALA B 31 6.86 13.78 13.76
N ALA B 32 7.33 13.95 12.52
CA ALA B 32 8.48 13.16 12.08
C ALA B 32 9.70 13.52 12.91
N GLY B 33 9.91 14.83 13.11
CA GLY B 33 11.05 15.28 13.90
C GLY B 33 10.98 14.80 15.33
N THR B 34 9.78 14.85 15.93
CA THR B 34 9.59 14.34 17.28
C THR B 34 9.89 12.84 17.36
N LEU B 35 9.47 12.07 16.37
CA LEU B 35 9.77 10.63 16.37
C LEU B 35 11.28 10.40 16.38
N LEU B 36 12.04 11.13 15.54
CA LEU B 36 13.49 10.98 15.55
C LEU B 36 14.07 11.36 16.91
N ALA B 37 13.61 12.47 17.49
CA ALA B 37 14.10 12.86 18.81
C ALA B 37 13.78 11.78 19.84
N ASP B 38 12.54 11.26 19.83
CA ASP B 38 12.19 10.19 20.75
C ASP B 38 13.12 8.99 20.57
N THR B 39 13.39 8.60 19.32
CA THR B 39 14.24 7.44 19.10
C THR B 39 15.62 7.67 19.66
N VAL B 40 16.21 8.82 19.38
CA VAL B 40 17.53 9.14 19.92
C VAL B 40 17.49 9.04 21.45
N GLN B 41 16.55 9.72 22.09
CA GLN B 41 16.44 9.70 23.55
C GLN B 41 16.37 8.29 24.10
N ASN B 42 15.60 7.41 23.44
CA ASN B 42 15.38 6.04 23.89
C ASN B 42 16.52 5.09 23.53
N GLY B 43 17.56 5.56 22.88
CA GLY B 43 18.71 4.74 22.58
C GLY B 43 18.66 4.05 21.24
N GLY B 44 17.73 4.42 20.39
CA GLY B 44 17.61 3.81 19.07
C GLY B 44 18.49 4.48 18.04
N ARG B 45 18.55 3.87 16.85
CA ARG B 45 19.36 4.31 15.72
C ARG B 45 18.47 4.97 14.67
N LEU B 46 19.08 5.82 13.86
CA LEU B 46 18.41 6.59 12.83
C LEU B 46 19.04 6.25 11.50
N PHE B 47 18.21 5.93 10.51
CA PHE B 47 18.67 5.61 9.15
C PHE B 47 17.75 6.30 8.15
N ALA B 48 18.30 6.59 6.96
CA ALA B 48 17.54 7.14 5.85
C ALA B 48 17.91 6.39 4.56
N PHE B 49 16.91 6.18 3.72
CA PHE B 49 17.06 5.45 2.46
C PHE B 49 16.27 6.15 1.37
N GLY B 50 16.85 6.24 0.17
CA GLY B 50 16.09 6.49 -1.04
C GLY B 50 16.83 5.78 -2.17
N ALA B 51 16.13 5.51 -3.27
CA ALA B 51 16.73 4.96 -4.49
C ALA B 51 16.89 6.04 -5.57
N GLY B 52 17.97 5.92 -6.38
CA GLY B 52 18.13 6.83 -7.51
C GLY B 52 18.22 8.26 -6.99
N HIS B 53 17.45 9.18 -7.60
CA HIS B 53 17.58 10.57 -7.15
C HIS B 53 16.94 10.83 -5.79
N SER B 54 16.08 9.93 -5.30
CA SER B 54 15.60 10.03 -3.94
C SER B 54 16.70 9.77 -2.95
N SER B 55 17.76 9.05 -3.37
CA SER B 55 18.90 8.85 -2.49
C SER B 55 19.55 10.17 -2.11
N LEU B 56 19.42 11.18 -2.96
CA LEU B 56 20.14 12.43 -2.70
C LEU B 56 19.62 13.10 -1.44
N ALA B 57 18.32 13.04 -1.20
CA ALA B 57 17.79 13.65 0.01
C ALA B 57 18.22 12.90 1.25
N ALA B 58 18.31 11.57 1.14
CA ALA B 58 18.78 10.77 2.26
C ALA B 58 20.24 11.11 2.59
N GLN B 59 21.08 11.15 1.55
CA GLN B 59 22.47 11.52 1.78
C GLN B 59 22.63 12.93 2.33
N ASP B 60 21.72 13.83 2.00
CA ASP B 60 21.85 15.21 2.44
C ASP B 60 21.74 15.36 3.95
N VAL B 61 21.23 14.37 4.67
CA VAL B 61 21.19 14.46 6.13
C VAL B 61 22.22 13.55 6.80
N VAL B 62 23.10 12.90 6.05
CA VAL B 62 24.10 11.99 6.59
C VAL B 62 25.50 12.63 6.53
N TYR B 63 26.24 12.53 7.64
CA TYR B 63 27.60 13.11 7.76
C TYR B 63 27.66 14.52 7.18
N ARG B 64 26.75 15.37 7.67
CA ARG B 64 26.40 16.61 6.99
C ARG B 64 26.69 17.81 7.89
N ALA B 65 27.33 18.84 7.31
CA ALA B 65 27.45 20.14 7.98
C ALA B 65 26.11 20.63 8.48
N GLY B 66 26.01 20.89 9.79
CA GLY B 66 24.78 21.38 10.41
C GLY B 66 23.71 20.31 10.59
N GLY B 67 24.09 19.03 10.50
CA GLY B 67 23.15 17.94 10.60
C GLY B 67 23.46 17.08 11.82
N LEU B 68 22.57 16.12 12.05
CA LEU B 68 22.71 15.20 13.16
C LEU B 68 23.76 14.13 12.87
N ALA B 69 24.72 13.99 13.78
CA ALA B 69 25.72 12.94 13.63
C ALA B 69 25.10 11.55 13.62
N LEU B 70 23.94 11.38 14.24
CA LEU B 70 23.32 10.07 14.45
C LEU B 70 22.57 9.58 13.23
N MET B 71 22.44 10.38 12.17
CA MET B 71 21.68 9.94 10.99
C MET B 71 22.62 9.10 10.12
N ASN B 72 22.21 7.87 9.82
CA ASN B 72 23.00 6.98 8.99
C ASN B 72 22.33 6.77 7.63
N LEU B 73 23.10 6.30 6.67
CA LEU B 73 22.53 5.96 5.36
C LEU B 73 22.33 4.45 5.30
N LEU B 74 21.15 4.01 4.85
CA LEU B 74 20.90 2.56 4.58
C LEU B 74 21.27 2.35 3.12
N THR B 75 22.40 1.69 2.85
CA THR B 75 22.93 1.56 1.47
C THR B 75 22.39 0.31 0.77
N VAL B 76 21.64 0.49 -0.32
CA VAL B 76 21.24 -0.63 -1.20
C VAL B 76 22.21 -0.54 -2.37
N PRO B 77 23.16 -1.48 -2.55
CA PRO B 77 24.15 -1.35 -3.63
C PRO B 77 23.49 -1.20 -4.99
N GLY B 78 23.95 -0.23 -5.76
CA GLY B 78 23.43 -0.01 -7.11
C GLY B 78 22.42 1.11 -7.21
N VAL B 79 21.78 1.47 -6.11
CA VAL B 79 20.76 2.51 -6.16
C VAL B 79 21.12 3.71 -5.29
N VAL B 80 22.37 3.82 -4.83
CA VAL B 80 22.86 5.00 -4.10
C VAL B 80 23.17 6.13 -5.09
N GLY B 81 22.28 7.08 -5.20
CA GLY B 81 22.48 8.02 -6.32
C GLY B 81 22.36 7.36 -7.69
N ILE B 82 23.16 7.83 -8.67
CA ILE B 82 23.05 7.34 -10.09
C ILE B 82 24.43 7.00 -10.67
N ASP B 83 25.43 6.73 -9.84
CA ASP B 83 26.81 6.45 -10.33
C ASP B 83 26.93 4.99 -10.79
N VAL B 84 25.95 4.14 -10.50
CA VAL B 84 25.93 2.72 -10.95
C VAL B 84 26.21 2.66 -12.46
N MET B 85 26.95 1.66 -12.92
CA MET B 85 27.19 1.45 -14.36
C MET B 85 26.50 0.19 -14.82
N PRO B 86 25.61 0.27 -15.82
CA PRO B 86 25.05 1.46 -16.49
C PRO B 86 24.07 2.10 -15.53
N ALA B 87 23.75 3.38 -15.69
CA ALA B 87 22.82 4.03 -14.79
C ALA B 87 21.45 3.43 -14.89
N THR B 88 21.12 2.86 -16.06
CA THR B 88 19.82 2.19 -16.24
C THR B 88 19.64 0.99 -15.32
N LEU B 89 20.74 0.37 -14.89
CA LEU B 89 20.62 -0.71 -13.91
C LEU B 89 20.00 -0.25 -12.59
N GLY B 90 20.26 0.97 -12.19
CA GLY B 90 19.65 1.51 -10.99
C GLY B 90 18.15 1.48 -11.04
N SER B 91 17.59 1.79 -12.22
CA SER B 91 16.14 1.72 -12.42
C SER B 91 15.64 0.28 -12.30
N ALA B 92 16.38 -0.68 -12.87
CA ALA B 92 15.94 -2.07 -12.85
C ALA B 92 16.02 -2.63 -11.44
N LEU B 93 17.02 -2.21 -10.63
CA LEU B 93 17.15 -2.74 -9.27
C LEU B 93 15.98 -2.30 -8.37
N GLU B 94 15.35 -1.15 -8.68
CA GLU B 94 14.19 -0.69 -7.91
C GLU B 94 13.01 -1.68 -8.02
N ARG B 95 13.03 -2.58 -9.00
CA ARG B 95 11.95 -3.52 -9.23
C ARG B 95 12.28 -4.90 -8.69
N VAL B 96 13.41 -5.05 -7.99
CA VAL B 96 13.85 -6.38 -7.58
C VAL B 96 13.26 -6.69 -6.21
N ASP B 97 12.42 -7.74 -6.17
CA ASP B 97 11.90 -8.22 -4.90
C ASP B 97 13.02 -8.93 -4.18
N GLY B 98 13.08 -8.71 -2.89
CA GLY B 98 14.03 -9.34 -2.02
C GLY B 98 15.23 -8.49 -1.65
N LEU B 99 15.54 -7.44 -2.41
CA LEU B 99 16.71 -6.65 -2.15
C LEU B 99 16.56 -5.86 -0.88
N ALA B 100 15.39 -5.27 -0.69
CA ALA B 100 15.14 -4.49 0.51
C ALA B 100 15.34 -5.34 1.75
N SER B 101 14.78 -6.55 1.74
CA SER B 101 14.92 -7.42 2.91
C SER B 101 16.35 -7.86 3.14
N ALA B 102 17.11 -8.16 2.08
CA ALA B 102 18.49 -8.51 2.28
C ALA B 102 19.28 -7.35 2.92
N VAL B 103 19.04 -6.13 2.47
CA VAL B 103 19.77 -5.00 3.02
C VAL B 103 19.35 -4.73 4.47
N LEU B 104 18.05 -4.81 4.76
CA LEU B 104 17.57 -4.58 6.13
C LEU B 104 18.07 -5.64 7.08
N ASP B 105 17.98 -6.91 6.68
CA ASP B 105 18.44 -7.99 7.55
C ASP B 105 19.95 -7.99 7.78
N SER B 106 20.76 -7.46 6.86
CA SER B 106 22.20 -7.37 7.10
C SER B 106 22.61 -6.13 7.87
N SER B 107 21.70 -5.19 8.04
CA SER B 107 22.02 -3.93 8.67
C SER B 107 21.92 -4.06 10.19
N PRO B 108 22.43 -3.08 10.93
CA PRO B 108 22.24 -3.08 12.39
C PRO B 108 20.85 -2.65 12.85
N LEU B 109 19.90 -2.43 11.95
CA LEU B 109 18.60 -1.94 12.39
C LEU B 109 17.87 -2.98 13.21
N ARG B 110 17.23 -2.50 14.29
CA ARG B 110 16.60 -3.26 15.38
C ARG B 110 15.22 -2.67 15.68
N ALA B 111 14.33 -3.47 16.28
CA ALA B 111 13.03 -2.97 16.67
C ALA B 111 13.21 -1.69 17.48
N GLY B 112 12.31 -0.71 17.26
CA GLY B 112 12.40 0.59 17.90
C GLY B 112 13.22 1.63 17.13
N ASP B 113 14.05 1.20 16.19
CA ASP B 113 14.83 2.17 15.43
C ASP B 113 13.90 2.93 14.48
N ALA B 114 14.45 3.98 13.90
CA ALA B 114 13.71 4.83 12.99
C ALA B 114 14.32 4.76 11.61
N LEU B 115 13.47 4.57 10.58
CA LEU B 115 13.93 4.58 9.20
C LEU B 115 13.11 5.59 8.41
N VAL B 116 13.78 6.50 7.73
CA VAL B 116 13.12 7.39 6.79
C VAL B 116 13.25 6.81 5.40
N ILE B 117 12.14 6.64 4.68
CA ILE B 117 12.19 6.15 3.29
C ILE B 117 11.71 7.27 2.38
N ILE B 118 12.56 7.70 1.46
CA ILE B 118 12.19 8.70 0.47
C ILE B 118 11.92 8.03 -0.86
N SER B 119 10.70 8.19 -1.40
CA SER B 119 10.37 7.69 -2.73
C SER B 119 9.27 8.58 -3.25
N LEU B 120 9.54 9.31 -4.34
CA LEU B 120 8.54 10.25 -4.87
C LEU B 120 7.26 9.50 -5.27
N SER B 121 7.40 8.49 -6.13
CA SER B 121 6.25 7.74 -6.65
C SER B 121 5.70 6.75 -5.62
N GLY B 122 6.60 6.19 -4.81
CA GLY B 122 6.21 5.21 -3.81
C GLY B 122 5.62 3.94 -4.41
N ARG B 123 5.89 3.65 -5.69
CA ARG B 123 5.15 2.59 -6.37
C ARG B 123 6.01 1.37 -6.67
N ASN B 124 7.31 1.48 -6.53
CA ASN B 124 8.11 0.34 -6.95
C ASN B 124 8.30 -0.71 -5.85
N ALA B 125 8.75 -1.89 -6.27
CA ALA B 125 8.94 -2.98 -5.32
C ALA B 125 9.92 -2.64 -4.23
N LEU B 126 11.05 -2.06 -4.57
CA LEU B 126 12.10 -1.83 -3.57
C LEU B 126 11.62 -0.96 -2.42
N PRO B 127 11.10 0.23 -2.64
CA PRO B 127 10.73 1.05 -1.48
C PRO B 127 9.51 0.53 -0.72
N VAL B 128 8.57 -0.11 -1.42
CA VAL B 128 7.40 -0.66 -0.76
C VAL B 128 7.78 -1.85 0.11
N GLU B 129 8.61 -2.76 -0.41
CA GLU B 129 9.11 -3.85 0.41
C GLU B 129 9.93 -3.33 1.59
N MET B 130 10.76 -2.31 1.35
CA MET B 130 11.57 -1.76 2.42
C MET B 130 10.68 -1.31 3.58
N ALA B 131 9.59 -0.60 3.26
CA ALA B 131 8.69 -0.15 4.33
C ALA B 131 7.95 -1.31 5.01
N MET B 132 7.39 -2.24 4.22
CA MET B 132 6.71 -3.41 4.78
C MET B 132 7.64 -4.22 5.67
N HIS B 133 8.86 -4.48 5.21
CA HIS B 133 9.72 -5.34 6.01
C HIS B 133 10.25 -4.60 7.23
N ALA B 134 10.46 -3.29 7.08
CA ALA B 134 10.89 -2.46 8.19
C ALA B 134 9.86 -2.52 9.31
N ARG B 135 8.60 -2.35 8.96
CA ARG B 135 7.50 -2.37 9.95
C ARG B 135 7.39 -3.79 10.52
N ALA B 136 7.67 -4.84 9.73
CA ALA B 136 7.64 -6.21 10.25
C ALA B 136 8.75 -6.46 11.26
N LEU B 137 9.86 -5.75 11.15
CA LEU B 137 11.00 -5.88 12.05
C LEU B 137 10.85 -5.02 13.30
N GLY B 138 9.80 -4.21 13.38
CA GLY B 138 9.57 -3.34 14.53
C GLY B 138 10.08 -1.94 14.35
N LEU B 139 10.54 -1.58 13.14
CA LEU B 139 11.03 -0.24 12.89
C LEU B 139 9.87 0.72 12.78
N ARG B 140 10.12 1.98 13.17
CA ARG B 140 9.21 3.08 12.90
C ARG B 140 9.61 3.71 11.57
N VAL B 141 8.64 3.92 10.69
CA VAL B 141 8.94 4.31 9.32
C VAL B 141 8.30 5.64 9.04
N ILE B 142 9.10 6.58 8.55
CA ILE B 142 8.65 7.86 8.02
C ILE B 142 8.82 7.83 6.50
N GLY B 143 7.76 8.14 5.77
CA GLY B 143 7.82 8.21 4.31
C GLY B 143 7.77 9.64 3.81
N VAL B 144 8.62 9.93 2.83
CA VAL B 144 8.67 11.20 2.13
C VAL B 144 8.34 10.88 0.67
N THR B 145 7.10 11.19 0.28
CA THR B 145 6.53 10.61 -0.93
C THR B 145 5.44 11.53 -1.42
N SER B 146 5.23 11.57 -2.75
CA SER B 146 4.16 12.39 -3.31
C SER B 146 2.88 11.55 -3.35
N VAL B 147 1.95 11.85 -2.43
CA VAL B 147 0.81 10.99 -2.22
C VAL B 147 -0.07 10.99 -3.44
N ALA B 148 0.00 12.04 -4.26
CA ALA B 148 -0.79 12.10 -5.49
C ALA B 148 -0.49 10.91 -6.39
N TYR B 149 0.76 10.42 -6.35
CA TYR B 149 1.12 9.28 -7.18
C TYR B 149 0.32 8.02 -6.83
N ALA B 150 -0.12 7.88 -5.57
CA ALA B 150 -0.83 6.64 -5.20
C ALA B 150 -2.22 6.53 -5.82
N SER B 151 -2.84 7.64 -6.17
CA SER B 151 -4.10 7.55 -6.85
C SER B 151 -3.95 7.61 -8.36
N GLN B 152 -2.90 8.24 -8.88
CA GLN B 152 -2.79 8.51 -10.31
C GLN B 152 -1.87 7.55 -11.03
N THR B 153 -1.17 6.68 -10.32
CA THR B 153 -0.37 5.64 -10.96
C THR B 153 -0.75 4.32 -10.30
N THR B 154 -0.33 3.21 -10.90
CA THR B 154 -0.63 1.88 -10.38
C THR B 154 0.57 1.34 -9.62
N SER B 155 0.28 0.57 -8.56
CA SER B 155 1.36 -0.05 -7.81
C SER B 155 2.14 -1.02 -8.68
N ARG B 156 3.46 -1.03 -8.49
CA ARG B 156 4.30 -2.06 -9.09
C ARG B 156 4.83 -3.04 -8.07
N HIS B 157 4.26 -3.07 -6.89
CA HIS B 157 4.64 -4.02 -5.87
C HIS B 157 3.60 -5.14 -5.90
N ALA B 158 4.01 -6.34 -5.50
CA ALA B 158 3.09 -7.49 -5.52
C ALA B 158 1.86 -7.28 -4.62
N SER B 159 2.01 -6.52 -3.57
CA SER B 159 0.91 -6.26 -2.66
C SER B 159 -0.15 -5.36 -3.29
N GLY B 160 0.16 -4.68 -4.39
CA GLY B 160 -0.74 -3.68 -4.95
C GLY B 160 -0.83 -2.38 -4.18
N THR B 161 0.05 -2.16 -3.19
CA THR B 161 -0.02 -1.00 -2.33
C THR B 161 1.16 -0.06 -2.63
N PHE B 162 1.18 1.06 -1.93
CA PHE B 162 2.20 2.09 -2.13
C PHE B 162 2.97 2.35 -0.84
N LEU B 163 4.11 3.05 -0.96
CA LEU B 163 4.87 3.41 0.23
C LEU B 163 4.03 4.02 1.34
N LYS B 164 3.20 5.00 0.99
CA LYS B 164 2.42 5.69 1.97
C LYS B 164 1.58 4.74 2.79
N ASP B 165 1.26 3.54 2.28
CA ASP B 165 0.38 2.64 3.02
C ASP B 165 1.10 1.90 4.15
N HIS B 166 2.41 2.08 4.30
CA HIS B 166 3.20 1.29 5.24
C HIS B 166 4.08 2.17 6.12
N CYS B 167 3.70 3.43 6.25
CA CYS B 167 4.44 4.37 7.06
C CYS B 167 3.70 4.74 8.35
N ASP B 168 4.46 4.94 9.42
CA ASP B 168 3.87 5.49 10.65
C ASP B 168 3.54 6.96 10.48
N ILE B 169 4.37 7.69 9.73
CA ILE B 169 4.19 9.10 9.44
C ILE B 169 4.48 9.28 7.96
N VAL B 170 3.62 10.05 7.27
CA VAL B 170 3.78 10.31 5.85
C VAL B 170 3.99 11.80 5.66
N LEU B 171 5.05 12.17 4.94
CA LEU B 171 5.33 13.56 4.55
C LEU B 171 5.10 13.68 3.06
N ASP B 172 4.14 14.49 2.67
CA ASP B 172 3.72 14.62 1.28
C ASP B 172 4.65 15.62 0.60
N SER B 173 5.39 15.17 -0.41
CA SER B 173 6.33 16.05 -1.11
C SER B 173 5.70 16.78 -2.28
N LYS B 174 4.39 16.59 -2.51
CA LYS B 174 3.57 17.49 -3.32
C LYS B 174 3.75 17.41 -4.83
N ILE B 175 4.87 16.85 -5.28
CA ILE B 175 5.22 16.93 -6.69
C ILE B 175 4.18 16.23 -7.56
N ALA B 176 3.74 16.93 -8.62
CA ALA B 176 2.76 16.38 -9.54
C ALA B 176 3.35 15.27 -10.39
N VAL B 177 2.49 14.35 -10.81
CA VAL B 177 2.98 13.18 -11.54
C VAL B 177 3.77 13.61 -12.76
N GLY B 178 4.97 13.03 -12.93
CA GLY B 178 5.88 13.35 -14.02
C GLY B 178 7.15 14.05 -13.56
N ASP B 179 7.13 14.70 -12.41
CA ASP B 179 8.32 15.30 -11.79
C ASP B 179 9.05 16.22 -12.78
N ALA B 180 8.30 17.21 -13.25
CA ALA B 180 8.77 18.16 -14.26
C ALA B 180 7.85 19.36 -14.20
N GLU B 181 8.42 20.53 -13.90
CA GLU B 181 7.62 21.70 -13.55
C GLU B 181 7.40 22.66 -14.71
N LEU B 182 8.14 22.52 -15.81
CA LEU B 182 8.08 23.47 -16.91
C LEU B 182 7.60 22.78 -18.18
N THR B 183 7.01 23.56 -19.07
CA THR B 183 6.58 23.08 -20.36
C THR B 183 6.83 24.17 -21.40
N LEU B 184 7.17 23.74 -22.61
CA LEU B 184 7.34 24.62 -23.75
C LEU B 184 6.50 24.09 -24.90
N ASP B 185 5.98 25.01 -25.73
CA ASP B 185 5.12 24.62 -26.84
C ASP B 185 5.89 23.80 -27.87
N THR B 186 7.10 24.21 -28.21
CA THR B 186 7.87 23.49 -29.21
C THR B 186 8.46 22.18 -28.69
N VAL B 187 8.19 21.81 -27.43
CA VAL B 187 8.86 20.71 -26.78
C VAL B 187 7.80 19.73 -26.28
N PRO B 188 7.82 18.47 -26.71
CA PRO B 188 6.78 17.53 -26.26
C PRO B 188 6.89 17.16 -24.79
N ALA B 189 8.06 16.98 -24.29
CA ALA B 189 8.20 16.54 -22.91
C ALA B 189 8.24 17.73 -21.95
N PRO B 190 7.69 17.57 -20.75
CA PRO B 190 7.95 18.55 -19.69
C PRO B 190 9.37 18.41 -19.19
N PHE B 191 9.84 19.45 -18.51
CA PHE B 191 11.20 19.40 -18.01
C PHE B 191 11.32 20.20 -16.74
N ALA B 192 12.47 20.03 -16.06
CA ALA B 192 12.91 20.81 -14.89
C ALA B 192 12.29 20.22 -13.63
N PRO B 193 12.89 19.18 -13.06
CA PRO B 193 12.33 18.56 -11.86
C PRO B 193 12.71 19.34 -10.63
N ALA B 194 11.76 19.46 -9.71
CA ALA B 194 12.06 20.12 -8.44
C ALA B 194 12.05 19.15 -7.27
N SER B 195 11.88 17.85 -7.52
CA SER B 195 11.67 16.93 -6.40
C SER B 195 12.87 16.88 -5.46
N THR B 196 14.10 16.95 -5.98
CA THR B 196 15.23 16.93 -5.06
C THR B 196 15.33 18.22 -4.25
N VAL B 197 15.04 19.38 -4.88
CA VAL B 197 14.97 20.63 -4.14
C VAL B 197 13.99 20.48 -2.98
N VAL B 198 12.81 19.90 -3.27
CA VAL B 198 11.77 19.79 -2.23
C VAL B 198 12.13 18.74 -1.18
N THR B 199 12.59 17.54 -1.60
CA THR B 199 12.84 16.48 -0.61
C THR B 199 14.04 16.79 0.26
N ALA B 200 15.10 17.38 -0.30
CA ALA B 200 16.19 17.81 0.56
C ALA B 200 15.68 18.79 1.60
N ALA B 201 14.82 19.72 1.19
CA ALA B 201 14.37 20.76 2.13
C ALA B 201 13.49 20.14 3.21
N LEU B 202 12.64 19.20 2.81
CA LEU B 202 11.82 18.46 3.76
C LEU B 202 12.69 17.73 4.77
N MET B 203 13.72 17.01 4.29
CA MET B 203 14.57 16.23 5.18
C MET B 203 15.28 17.14 6.19
N GLN B 204 15.70 18.33 5.75
CA GLN B 204 16.35 19.27 6.68
C GLN B 204 15.37 19.81 7.70
N ALA B 205 14.14 20.10 7.27
CA ALA B 205 13.12 20.58 8.20
C ALA B 205 12.83 19.54 9.28
N VAL B 206 12.81 18.26 8.88
CA VAL B 206 12.60 17.17 9.83
C VAL B 206 13.76 17.06 10.80
N THR B 207 15.00 16.99 10.30
CA THR B 207 16.13 16.82 11.22
C THR B 207 16.36 18.08 12.05
N ALA B 208 16.03 19.28 11.51
CA ALA B 208 16.10 20.50 12.31
C ALA B 208 15.09 20.45 13.43
N THR B 209 13.89 19.92 13.15
CA THR B 209 12.90 19.76 14.21
C THR B 209 13.40 18.79 15.28
N ALA B 210 14.01 17.70 14.85
CA ALA B 210 14.56 16.73 15.78
C ALA B 210 15.59 17.37 16.70
N ALA B 211 16.53 18.14 16.12
CA ALA B 211 17.60 18.75 16.89
C ALA B 211 17.03 19.70 17.94
N ALA B 212 16.08 20.55 17.53
CA ALA B 212 15.46 21.52 18.42
C ALA B 212 14.66 20.83 19.52
N THR B 213 14.02 19.71 19.19
CA THR B 213 13.23 18.99 20.17
C THR B 213 14.12 18.34 21.22
N LEU B 214 15.28 17.84 20.80
CA LEU B 214 16.24 17.34 21.77
C LEU B 214 16.75 18.46 22.67
N ALA B 215 16.99 19.64 22.10
CA ALA B 215 17.43 20.79 22.89
C ALA B 215 16.36 21.18 23.92
N ASP B 216 15.12 21.32 23.46
CA ASP B 216 14.03 21.69 24.37
C ASP B 216 13.91 20.74 25.55
N ARG B 217 14.36 19.50 25.39
CA ARG B 217 14.31 18.49 26.43
C ARG B 217 15.58 18.42 27.28
N GLY B 218 16.48 19.39 27.15
CA GLY B 218 17.71 19.35 27.90
C GLY B 218 18.73 18.37 27.39
N ILE B 219 18.60 17.95 26.13
CA ILE B 219 19.50 17.00 25.50
C ILE B 219 20.24 17.72 24.38
N GLU B 220 21.54 17.87 24.54
CA GLU B 220 22.32 18.55 23.52
C GLU B 220 22.27 17.76 22.21
N PRO B 221 21.74 18.32 21.12
CA PRO B 221 21.70 17.56 19.86
C PRO B 221 23.11 17.35 19.33
N PRO B 222 23.42 16.16 18.86
CA PRO B 222 24.78 15.94 18.31
C PRO B 222 24.96 16.47 16.89
N LEU B 223 25.32 17.74 16.77
CA LEU B 223 25.41 18.43 15.51
C LEU B 223 26.84 18.44 15.00
N LEU B 224 26.96 18.23 13.70
CA LEU B 224 28.23 18.37 12.99
C LEU B 224 28.39 19.78 12.43
N ARG B 225 29.64 20.21 12.30
CA ARG B 225 30.00 21.46 11.62
C ARG B 225 30.60 21.16 10.26
N SER B 226 30.65 22.18 9.41
CA SER B 226 31.26 22.00 8.10
C SER B 226 32.75 21.72 8.25
N GLY B 227 33.23 20.75 7.50
CA GLY B 227 34.67 20.54 7.42
C GLY B 227 35.41 21.54 6.54
N ASN B 228 34.70 22.42 5.84
CA ASN B 228 35.35 23.44 5.03
C ASN B 228 35.31 24.82 5.65
N VAL B 229 35.02 24.88 6.95
CA VAL B 229 35.33 26.02 7.81
C VAL B 229 36.40 25.56 8.79
N ASP B 230 37.45 26.38 8.97
CA ASP B 230 38.54 25.98 9.87
C ASP B 230 38.00 25.52 11.22
N GLY B 231 38.50 24.38 11.68
CA GLY B 231 38.07 23.86 12.95
C GLY B 231 36.98 22.84 12.87
N GLY B 232 36.36 22.67 11.70
CA GLY B 232 35.19 21.81 11.63
C GLY B 232 35.53 20.35 11.86
N HIS B 233 36.65 19.89 11.31
CA HIS B 233 37.01 18.48 11.43
C HIS B 233 37.32 18.11 12.87
N GLU B 234 37.99 19.01 13.60
CA GLU B 234 38.27 18.78 15.01
C GLU B 234 36.97 18.71 15.81
N TRP B 235 36.04 19.63 15.55
CA TRP B 235 34.74 19.58 16.21
C TRP B 235 34.07 18.25 15.95
N ASN B 236 33.96 17.88 14.67
CA ASN B 236 33.26 16.65 14.30
C ASN B 236 33.91 15.41 14.91
N ALA B 237 35.24 15.38 14.98
CA ALA B 237 35.90 14.19 15.55
C ALA B 237 35.42 13.92 16.98
N ARG B 238 35.12 14.96 17.74
CA ARG B 238 34.66 14.76 19.11
C ARG B 238 33.23 14.22 19.11
N VAL B 239 32.36 14.84 18.31
CA VAL B 239 30.97 14.38 18.20
C VAL B 239 30.93 12.93 17.73
N LEU B 240 31.71 12.63 16.70
CA LEU B 240 31.68 11.28 16.12
C LEU B 240 32.15 10.22 17.12
N GLU B 241 33.17 10.54 17.91
CA GLU B 241 33.66 9.58 18.91
C GLU B 241 32.62 9.40 19.99
N GLN B 242 31.95 10.48 20.37
CA GLN B 242 31.00 10.45 21.47
C GLN B 242 29.84 9.51 21.15
N TYR B 243 29.27 9.66 19.96
CA TYR B 243 28.11 8.88 19.55
C TYR B 243 28.44 7.71 18.64
N GLY B 244 29.68 7.23 18.67
CA GLY B 244 30.10 6.24 17.68
C GLY B 244 29.33 4.94 17.75
N GLU B 245 28.77 4.59 18.90
CA GLU B 245 28.10 3.30 19.02
C GLU B 245 26.87 3.20 18.12
N ARG B 246 26.26 4.33 17.80
CA ARG B 246 25.09 4.39 16.91
C ARG B 246 25.39 5.06 15.57
N ILE B 247 26.66 5.12 15.19
CA ILE B 247 27.12 5.72 13.94
C ILE B 247 27.82 4.61 13.19
N PHE B 248 27.42 4.38 11.94
CA PHE B 248 27.89 3.26 11.15
C PHE B 248 28.67 3.67 9.91
N TYR B 249 28.89 4.94 9.67
CA TYR B 249 29.76 5.37 8.59
C TYR B 249 31.20 5.66 9.03
N ARG B 250 31.56 5.42 10.28
CA ARG B 250 32.95 5.52 10.73
C ARG B 250 33.07 4.63 11.93
N ARG B 251 34.29 4.45 12.40
CA ARG B 251 34.62 3.60 13.54
C ARG B 251 35.65 4.32 14.45
#